data_8OTU
#
_entry.id   8OTU
#
_cell.length_a   141.133
_cell.length_b   45.660
_cell.length_c   84.187
_cell.angle_alpha   90.000
_cell.angle_beta   97.830
_cell.angle_gamma   90.000
#
_symmetry.space_group_name_H-M   'C 1 2 1'
#
loop_
_entity.id
_entity.type
_entity.pdbx_description
1 polymer 'Dienelactone hydrolase domain-containing protein'
2 non-polymer 'SODIUM ION'
3 non-polymer 1,2-ETHANEDIOL
4 non-polymer 'CHLORIDE ION'
5 water water
#
_entity_poly.entity_id   1
_entity_poly.type   'polypeptide(L)'
_entity_poly.pdbx_seq_one_letter_code
;MSSIIKRKLASLFAFSAAMLLSTSVWSMNPGDVPDTCEGDCGYARGPDPTESFLEADSGPYTIATSNVSSLVRGFGGGTI
YYPVNAEGTMAAIVVIPGYMSYQSSISFWGPRLASHGFVVMTIDTNRISDQPPSRRDQIEAALEYLVDQSNSSRSPINGM
VDPNRLGAVGWSMGGGGTLRLAADDGIQAAIGLAPWNTSSLGFRSIETPTLIFACERDSIAPVRSHASPFYNAIPSSTDK
AYFEISGGNHYCANGSNRYDALLGKYGVAWMKLHLDQDQRYAPFLCGPNHERDRQISEHRSTCPFVDKLAAALEHHHHHH
;
_entity_poly.pdbx_strand_id   A,B
#
loop_
_chem_comp.id
_chem_comp.type
_chem_comp.name
_chem_comp.formula
CL non-polymer 'CHLORIDE ION' 'Cl -1'
EDO non-polymer 1,2-ETHANEDIOL 'C2 H6 O2'
NA non-polymer 'SODIUM ION' 'Na 1'
#
# COMPACT_ATOMS: atom_id res chain seq x y z
N GLY A 42 5.80 -8.14 15.70
CA GLY A 42 5.96 -6.68 15.62
C GLY A 42 4.75 -5.95 16.17
N TYR A 43 3.58 -6.15 15.59
CA TYR A 43 2.37 -5.49 16.02
C TYR A 43 1.41 -6.39 16.77
N ALA A 44 1.74 -7.67 16.93
CA ALA A 44 0.83 -8.58 17.59
C ALA A 44 0.75 -8.27 19.08
N ARG A 45 -0.44 -8.41 19.64
CA ARG A 45 -0.62 -8.22 21.06
C ARG A 45 -1.70 -9.17 21.56
N GLY A 46 -1.63 -9.43 22.86
CA GLY A 46 -2.63 -10.25 23.50
C GLY A 46 -2.31 -11.73 23.40
N PRO A 47 -3.11 -12.53 24.08
CA PRO A 47 -2.82 -13.96 24.15
C PRO A 47 -3.13 -14.69 22.85
N ASP A 48 -2.58 -15.88 22.74
CA ASP A 48 -2.85 -16.73 21.59
C ASP A 48 -4.36 -17.01 21.51
N PRO A 49 -4.97 -16.78 20.37
CA PRO A 49 -6.44 -16.89 20.28
C PRO A 49 -6.91 -18.33 20.21
N THR A 50 -8.13 -18.53 20.70
CA THR A 50 -8.87 -19.76 20.51
C THR A 50 -10.28 -19.36 20.06
N GLU A 51 -11.05 -20.37 19.65
N GLU A 51 -11.06 -20.36 19.66
CA GLU A 51 -12.43 -20.09 19.22
CA GLU A 51 -12.43 -20.09 19.22
C GLU A 51 -13.22 -19.44 20.34
C GLU A 51 -13.24 -19.46 20.33
N SER A 52 -13.17 -20.03 21.53
CA SER A 52 -13.90 -19.47 22.66
C SER A 52 -13.48 -18.04 22.96
N PHE A 53 -12.18 -17.77 22.91
CA PHE A 53 -11.68 -16.42 23.13
C PHE A 53 -12.22 -15.43 22.11
N LEU A 54 -12.29 -15.82 20.87
CA LEU A 54 -12.79 -14.95 19.80
C LEU A 54 -14.30 -14.78 19.81
N GLU A 55 -15.05 -15.74 20.36
CA GLU A 55 -16.51 -15.68 20.42
C GLU A 55 -17.02 -14.90 21.62
N ALA A 56 -16.20 -14.73 22.64
CA ALA A 56 -16.65 -14.04 23.86
C ALA A 56 -17.03 -12.61 23.58
N ASP A 57 -17.91 -12.08 24.42
CA ASP A 57 -18.39 -10.71 24.20
C ASP A 57 -17.26 -9.69 24.32
N SER A 58 -16.29 -9.93 25.21
CA SER A 58 -15.17 -9.03 25.40
C SER A 58 -13.84 -9.73 25.16
N GLY A 59 -12.91 -8.99 24.53
CA GLY A 59 -11.53 -9.34 24.51
C GLY A 59 -10.87 -9.06 25.84
N PRO A 60 -9.55 -9.27 25.88
CA PRO A 60 -8.82 -9.29 27.15
C PRO A 60 -8.42 -7.94 27.70
N TYR A 61 -8.55 -6.86 26.94
CA TYR A 61 -8.23 -5.55 27.48
C TYR A 61 -9.45 -4.91 28.11
N THR A 62 -9.27 -4.31 29.29
CA THR A 62 -10.27 -3.36 29.77
C THR A 62 -10.16 -2.10 28.91
N ILE A 63 -11.28 -1.40 28.77
CA ILE A 63 -11.35 -0.26 27.88
C ILE A 63 -11.92 0.95 28.61
N ALA A 64 -11.66 2.11 28.01
CA ALA A 64 -12.17 3.40 28.44
C ALA A 64 -12.81 4.05 27.22
N THR A 65 -13.55 5.12 27.47
CA THR A 65 -14.21 5.85 26.42
C THR A 65 -13.97 7.34 26.55
N SER A 66 -13.96 8.02 25.41
N SER A 66 -14.04 8.03 25.42
CA SER A 66 -13.92 9.48 25.35
CA SER A 66 -13.92 9.47 25.34
C SER A 66 -14.94 9.95 24.31
C SER A 66 -14.91 9.97 24.30
N ASN A 67 -15.75 10.93 24.66
N ASN A 67 -15.72 10.95 24.66
CA ASN A 67 -16.71 11.49 23.73
CA ASN A 67 -16.71 11.50 23.74
C ASN A 67 -16.04 12.55 22.87
C ASN A 67 -16.06 12.56 22.87
N VAL A 68 -16.44 12.58 21.59
CA VAL A 68 -15.99 13.57 20.63
C VAL A 68 -17.23 14.34 20.19
N SER A 69 -17.21 15.64 20.44
CA SER A 69 -18.31 16.51 20.08
C SER A 69 -18.49 16.61 18.58
N SER A 70 -19.74 16.82 18.15
CA SER A 70 -20.02 17.08 16.74
C SER A 70 -19.34 18.34 16.20
N LEU A 71 -18.83 19.23 17.07
CA LEU A 71 -18.03 20.34 16.60
C LEU A 71 -16.80 19.92 15.81
N VAL A 72 -16.34 18.68 15.96
CA VAL A 72 -15.16 18.19 15.25
C VAL A 72 -15.31 18.37 13.74
N ARG A 73 -14.20 18.70 13.09
CA ARG A 73 -14.24 19.00 11.66
C ARG A 73 -14.33 17.73 10.84
N GLY A 74 -15.30 17.67 9.96
CA GLY A 74 -15.32 16.63 8.96
C GLY A 74 -16.24 15.46 9.21
N PHE A 75 -16.87 15.39 10.39
CA PHE A 75 -17.83 14.33 10.71
C PHE A 75 -18.65 14.80 11.90
N GLY A 76 -19.59 13.98 12.33
CA GLY A 76 -20.60 14.42 13.29
C GLY A 76 -20.31 14.07 14.74
N GLY A 77 -19.05 13.87 15.09
CA GLY A 77 -18.68 13.45 16.43
C GLY A 77 -18.67 11.95 16.57
N GLY A 78 -18.39 11.49 17.77
CA GLY A 78 -18.33 10.06 17.98
C GLY A 78 -17.91 9.71 19.38
N THR A 79 -17.69 8.42 19.57
CA THR A 79 -17.25 7.86 20.85
C THR A 79 -15.99 7.06 20.56
N ILE A 80 -14.89 7.39 21.22
CA ILE A 80 -13.65 6.61 21.12
C ILE A 80 -13.66 5.56 22.23
N TYR A 81 -13.37 4.32 21.86
CA TYR A 81 -13.17 3.19 22.77
C TYR A 81 -11.72 2.79 22.64
N TYR A 82 -11.04 2.61 23.76
CA TYR A 82 -9.62 2.30 23.68
C TYR A 82 -9.17 1.48 24.88
N PRO A 83 -8.16 0.64 24.70
CA PRO A 83 -7.65 -0.14 25.83
C PRO A 83 -6.95 0.73 26.86
N VAL A 84 -7.06 0.32 28.11
CA VAL A 84 -6.47 1.09 29.19
C VAL A 84 -5.00 0.79 29.38
N ASN A 85 -4.60 -0.46 29.31
CA ASN A 85 -3.22 -0.76 29.68
C ASN A 85 -2.41 -1.37 28.54
N ALA A 86 -2.48 -0.79 27.36
CA ALA A 86 -1.84 -1.34 26.19
C ALA A 86 -0.52 -0.59 26.03
N GLU A 87 0.55 -1.33 25.80
CA GLU A 87 1.86 -0.73 25.60
C GLU A 87 2.01 -0.41 24.12
N GLY A 88 2.54 0.78 23.84
CA GLY A 88 2.84 1.18 22.46
C GLY A 88 1.62 1.56 21.65
N THR A 89 1.86 1.63 20.35
CA THR A 89 0.83 2.10 19.45
C THR A 89 0.06 0.95 18.83
N MET A 90 -1.17 1.25 18.47
CA MET A 90 -2.13 0.30 17.97
C MET A 90 -2.74 0.81 16.67
N ALA A 91 -3.38 -0.08 15.94
CA ALA A 91 -4.16 0.35 14.80
C ALA A 91 -5.41 1.06 15.27
N ALA A 92 -5.91 1.96 14.43
CA ALA A 92 -7.11 2.72 14.70
C ALA A 92 -8.17 2.37 13.67
N ILE A 93 -9.41 2.30 14.13
CA ILE A 93 -10.57 1.89 13.33
C ILE A 93 -11.71 2.87 13.54
N VAL A 94 -12.36 3.28 12.47
CA VAL A 94 -13.60 4.06 12.53
C VAL A 94 -14.76 3.16 12.11
N VAL A 95 -15.87 3.25 12.85
CA VAL A 95 -17.09 2.50 12.57
C VAL A 95 -18.20 3.49 12.29
N ILE A 96 -18.88 3.33 11.15
CA ILE A 96 -19.86 4.30 10.67
C ILE A 96 -21.18 3.62 10.37
N PRO A 97 -22.31 4.26 10.73
CA PRO A 97 -23.63 3.67 10.46
C PRO A 97 -24.13 4.02 9.08
N GLY A 98 -25.40 3.73 8.79
CA GLY A 98 -25.98 3.96 7.50
C GLY A 98 -27.02 5.06 7.48
N TYR A 99 -27.75 5.11 6.36
CA TYR A 99 -28.74 6.15 6.12
C TYR A 99 -29.77 6.18 7.23
N MET A 100 -30.07 7.39 7.71
CA MET A 100 -31.08 7.66 8.71
C MET A 100 -30.77 7.00 10.04
N SER A 101 -29.49 6.73 10.32
CA SER A 101 -29.10 6.06 11.54
C SER A 101 -28.01 6.82 12.26
N TYR A 102 -27.95 6.55 13.57
CA TYR A 102 -26.96 7.13 14.45
C TYR A 102 -25.94 6.10 14.90
N GLN A 103 -24.91 6.61 15.56
CA GLN A 103 -23.82 5.81 16.05
C GLN A 103 -24.27 4.62 16.86
N SER A 104 -25.33 4.76 17.64
CA SER A 104 -25.77 3.66 18.49
C SER A 104 -26.11 2.41 17.70
N SER A 105 -26.47 2.55 16.43
CA SER A 105 -26.82 1.38 15.62
C SER A 105 -25.67 0.42 15.40
N ILE A 106 -24.41 0.87 15.50
CA ILE A 106 -23.24 0.03 15.27
C ILE A 106 -22.32 -0.01 16.48
N SER A 107 -22.86 0.34 17.65
CA SER A 107 -22.04 0.47 18.85
C SER A 107 -21.36 -0.83 19.29
N PHE A 108 -21.96 -1.99 18.98
CA PHE A 108 -21.31 -3.26 19.32
C PHE A 108 -19.83 -3.27 18.93
N TRP A 109 -19.51 -2.72 17.76
CA TRP A 109 -18.17 -2.81 17.20
C TRP A 109 -17.12 -2.03 17.98
N GLY A 110 -17.56 -1.04 18.78
CA GLY A 110 -16.64 -0.25 19.57
C GLY A 110 -15.96 -1.06 20.64
N PRO A 111 -16.72 -1.59 21.60
CA PRO A 111 -16.08 -2.42 22.64
C PRO A 111 -15.50 -3.71 22.10
N ARG A 112 -16.16 -4.32 21.10
CA ARG A 112 -15.73 -5.63 20.66
C ARG A 112 -14.33 -5.54 20.04
N LEU A 113 -14.07 -4.52 19.22
CA LEU A 113 -12.73 -4.34 18.65
C LEU A 113 -11.79 -3.74 19.67
N ALA A 114 -12.22 -2.73 20.42
CA ALA A 114 -11.25 -2.06 21.27
C ALA A 114 -10.70 -2.98 22.36
N SER A 115 -11.55 -3.85 22.90
CA SER A 115 -11.14 -4.82 23.91
C SER A 115 -10.16 -5.86 23.40
N HIS A 116 -9.89 -5.89 22.09
CA HIS A 116 -8.85 -6.72 21.50
C HIS A 116 -7.63 -5.91 21.08
N GLY A 117 -7.50 -4.68 21.54
CA GLY A 117 -6.26 -3.95 21.33
C GLY A 117 -6.27 -3.05 20.11
N PHE A 118 -7.32 -2.27 19.95
CA PHE A 118 -7.46 -1.31 18.85
C PHE A 118 -8.03 -0.03 19.43
N VAL A 119 -7.70 1.12 18.83
CA VAL A 119 -8.39 2.37 19.11
C VAL A 119 -9.54 2.49 18.13
N VAL A 120 -10.76 2.55 18.63
CA VAL A 120 -11.95 2.41 17.80
C VAL A 120 -12.91 3.55 18.06
N MET A 121 -13.28 4.28 17.03
CA MET A 121 -14.24 5.37 17.19
C MET A 121 -15.49 5.07 16.38
N THR A 122 -16.63 4.96 17.08
CA THR A 122 -17.93 4.90 16.42
C THR A 122 -18.38 6.33 16.15
N ILE A 123 -18.80 6.64 14.93
CA ILE A 123 -19.09 8.02 14.59
C ILE A 123 -20.53 8.23 14.17
N ASP A 124 -20.97 9.48 14.30
CA ASP A 124 -22.12 10.03 13.62
C ASP A 124 -21.64 10.79 12.38
N THR A 125 -22.53 10.87 11.41
CA THR A 125 -22.25 11.66 10.21
C THR A 125 -22.74 13.07 10.43
N ASN A 126 -22.36 13.94 9.49
CA ASN A 126 -22.81 15.32 9.58
C ASN A 126 -24.34 15.40 9.58
N ARG A 127 -24.99 14.66 8.68
CA ARG A 127 -26.44 14.53 8.64
C ARG A 127 -26.76 13.04 8.46
N ILE A 128 -27.85 12.57 9.06
CA ILE A 128 -28.15 11.15 8.92
C ILE A 128 -28.58 10.81 7.49
N SER A 129 -28.91 11.81 6.69
CA SER A 129 -29.26 11.61 5.29
C SER A 129 -28.06 11.53 4.36
N ASP A 130 -26.83 11.64 4.88
CA ASP A 130 -25.64 11.66 4.01
C ASP A 130 -25.52 10.35 3.23
N GLN A 131 -25.07 10.46 1.98
CA GLN A 131 -24.94 9.33 1.04
C GLN A 131 -23.52 8.78 1.07
N PRO A 132 -23.25 7.67 0.39
CA PRO A 132 -21.93 7.01 0.52
C PRO A 132 -20.75 7.87 0.14
N PRO A 133 -20.81 8.69 -0.91
CA PRO A 133 -19.62 9.54 -1.21
C PRO A 133 -19.25 10.46 -0.04
N SER A 134 -20.25 11.13 0.53
CA SER A 134 -20.00 11.96 1.71
C SER A 134 -19.51 11.12 2.89
N ARG A 135 -20.09 9.96 3.10
CA ARG A 135 -19.68 9.06 4.21
C ARG A 135 -18.21 8.68 4.04
N ARG A 136 -17.76 8.41 2.83
CA ARG A 136 -16.35 8.14 2.56
C ARG A 136 -15.45 9.26 3.07
N ASP A 137 -15.81 10.51 2.75
CA ASP A 137 -15.02 11.66 3.22
C ASP A 137 -15.00 11.73 4.74
N GLN A 138 -16.12 11.38 5.38
CA GLN A 138 -16.23 11.51 6.83
C GLN A 138 -15.45 10.42 7.54
N ILE A 139 -15.40 9.22 6.99
CA ILE A 139 -14.51 8.18 7.52
C ILE A 139 -13.07 8.66 7.48
N GLU A 140 -12.65 9.19 6.33
CA GLU A 140 -11.29 9.69 6.17
C GLU A 140 -10.98 10.79 7.19
N ALA A 141 -11.91 11.74 7.35
CA ALA A 141 -11.71 12.81 8.34
C ALA A 141 -11.62 12.26 9.76
N ALA A 142 -12.44 11.27 10.09
CA ALA A 142 -12.44 10.68 11.43
C ALA A 142 -11.13 9.95 11.72
N LEU A 143 -10.59 9.23 10.72
CA LEU A 143 -9.30 8.59 10.91
C LEU A 143 -8.19 9.63 11.07
N GLU A 144 -8.25 10.72 10.29
CA GLU A 144 -7.27 11.79 10.46
C GLU A 144 -7.36 12.38 11.86
N TYR A 145 -8.59 12.51 12.38
CA TYR A 145 -8.76 13.02 13.74
C TYR A 145 -8.08 12.12 14.77
N LEU A 146 -8.24 10.81 14.65
CA LEU A 146 -7.60 9.92 15.61
C LEU A 146 -6.08 10.02 15.54
N VAL A 147 -5.54 10.10 14.32
CA VAL A 147 -4.09 10.25 14.16
C VAL A 147 -3.62 11.52 14.82
N ASP A 148 -4.36 12.62 14.58
CA ASP A 148 -3.97 13.90 15.15
C ASP A 148 -4.07 13.90 16.68
N GLN A 149 -5.13 13.33 17.23
CA GLN A 149 -5.27 13.32 18.69
C GLN A 149 -4.17 12.50 19.36
N SER A 150 -3.73 11.41 18.72
CA SER A 150 -2.61 10.63 19.23
C SER A 150 -1.35 11.47 19.34
N ASN A 151 -1.26 12.57 18.59
CA ASN A 151 -0.14 13.49 18.67
C ASN A 151 -0.38 14.70 19.55
N SER A 152 -1.49 14.76 20.25
CA SER A 152 -1.82 15.91 21.08
C SER A 152 -1.56 15.59 22.55
N SER A 153 -0.87 16.49 23.23
CA SER A 153 -0.67 16.29 24.66
C SER A 153 -1.93 16.53 25.47
N ARG A 154 -3.02 16.97 24.87
CA ARG A 154 -4.28 17.14 25.56
C ARG A 154 -5.24 15.97 25.38
N SER A 155 -4.81 14.89 24.69
CA SER A 155 -5.72 13.81 24.40
C SER A 155 -5.49 12.59 25.30
N PRO A 156 -6.58 11.95 25.71
CA PRO A 156 -6.44 10.68 26.43
C PRO A 156 -5.91 9.56 25.57
N ILE A 157 -5.89 9.70 24.25
CA ILE A 157 -5.31 8.67 23.38
C ILE A 157 -3.93 9.08 22.87
N ASN A 158 -3.28 10.03 23.55
CA ASN A 158 -1.91 10.38 23.23
C ASN A 158 -1.03 9.14 23.11
N GLY A 159 -0.30 9.08 22.00
CA GLY A 159 0.64 7.99 21.78
C GLY A 159 0.05 6.64 21.52
N MET A 160 -1.25 6.56 21.22
CA MET A 160 -1.88 5.25 21.07
C MET A 160 -2.07 4.79 19.62
N VAL A 161 -1.98 5.68 18.64
CA VAL A 161 -2.34 5.35 17.27
C VAL A 161 -1.10 5.27 16.39
N ASP A 162 -0.98 4.16 15.67
CA ASP A 162 0.03 4.03 14.62
C ASP A 162 -0.60 4.51 13.32
N PRO A 163 -0.18 5.66 12.78
CA PRO A 163 -0.83 6.17 11.57
C PRO A 163 -0.69 5.27 10.34
N ASN A 164 0.23 4.31 10.37
CA ASN A 164 0.39 3.37 9.26
C ASN A 164 -0.69 2.32 9.21
N ARG A 165 -1.53 2.21 10.25
CA ARG A 165 -2.41 1.05 10.40
C ARG A 165 -3.84 1.49 10.74
N LEU A 166 -4.62 1.71 9.69
CA LEU A 166 -5.95 2.29 9.82
C LEU A 166 -6.99 1.41 9.16
N GLY A 167 -8.14 1.26 9.83
CA GLY A 167 -9.21 0.44 9.31
C GLY A 167 -10.55 1.15 9.39
N ALA A 168 -11.53 0.61 8.67
CA ALA A 168 -12.88 1.12 8.75
C ALA A 168 -13.88 -0.01 8.65
N VAL A 169 -15.00 0.18 9.34
CA VAL A 169 -16.14 -0.74 9.38
C VAL A 169 -17.38 0.08 9.11
N GLY A 170 -18.20 -0.30 8.15
CA GLY A 170 -19.35 0.52 7.82
C GLY A 170 -20.59 -0.30 7.49
N TRP A 171 -21.74 0.14 7.99
CA TRP A 171 -23.04 -0.49 7.74
C TRP A 171 -23.78 0.25 6.63
N SER A 172 -24.28 -0.51 5.65
CA SER A 172 -25.23 -0.01 4.65
C SER A 172 -24.56 1.14 3.91
N MET A 173 -25.13 2.33 3.82
CA MET A 173 -24.45 3.40 3.10
C MET A 173 -23.09 3.70 3.70
N GLY A 174 -22.92 3.46 5.01
CA GLY A 174 -21.59 3.57 5.59
C GLY A 174 -20.62 2.53 5.10
N GLY A 175 -21.13 1.35 4.75
CA GLY A 175 -20.31 0.37 4.05
C GLY A 175 -19.95 0.76 2.64
N GLY A 176 -20.87 1.37 1.90
CA GLY A 176 -20.48 1.96 0.62
C GLY A 176 -19.39 2.99 0.78
N GLY A 177 -19.50 3.83 1.82
CA GLY A 177 -18.43 4.79 2.07
C GLY A 177 -17.11 4.14 2.39
N THR A 178 -17.15 3.06 3.16
CA THR A 178 -15.95 2.32 3.52
C THR A 178 -15.29 1.69 2.32
N LEU A 179 -16.07 1.10 1.41
CA LEU A 179 -15.51 0.52 0.19
C LEU A 179 -14.97 1.60 -0.74
N ARG A 180 -15.63 2.76 -0.77
CA ARG A 180 -15.10 3.86 -1.57
C ARG A 180 -13.74 4.32 -1.05
N LEU A 181 -13.59 4.45 0.27
CA LEU A 181 -12.30 4.81 0.84
C LEU A 181 -11.27 3.73 0.55
N ALA A 182 -11.67 2.48 0.65
CA ALA A 182 -10.77 1.39 0.29
C ALA A 182 -10.32 1.47 -1.15
N ALA A 183 -11.16 1.95 -2.06
CA ALA A 183 -10.80 2.07 -3.47
C ALA A 183 -9.69 3.09 -3.69
N ASP A 184 -9.45 3.99 -2.74
CA ASP A 184 -8.33 4.90 -2.83
C ASP A 184 -7.12 4.40 -2.08
N ASP A 185 -7.16 3.19 -1.53
CA ASP A 185 -6.18 2.73 -0.55
C ASP A 185 -6.08 3.69 0.65
N GLY A 186 -7.25 4.23 1.08
CA GLY A 186 -7.25 5.11 2.22
C GLY A 186 -7.29 4.41 3.55
N ILE A 187 -7.24 3.08 3.54
CA ILE A 187 -7.31 2.24 4.75
C ILE A 187 -6.50 0.97 4.45
N GLN A 188 -5.99 0.31 5.52
CA GLN A 188 -5.28 -0.95 5.50
C GLN A 188 -6.18 -2.17 5.74
N ALA A 189 -7.44 -1.98 6.10
CA ALA A 189 -8.41 -3.06 6.24
C ALA A 189 -9.79 -2.44 6.23
N ALA A 190 -10.74 -3.17 5.62
CA ALA A 190 -12.13 -2.72 5.53
C ALA A 190 -13.06 -3.87 5.86
N ILE A 191 -14.15 -3.53 6.57
CA ILE A 191 -15.26 -4.43 6.80
C ILE A 191 -16.53 -3.74 6.38
N GLY A 192 -17.29 -4.39 5.52
CA GLY A 192 -18.63 -3.93 5.13
C GLY A 192 -19.69 -4.77 5.83
N LEU A 193 -20.62 -4.08 6.49
CA LEU A 193 -21.74 -4.71 7.19
C LEU A 193 -22.99 -4.45 6.34
N ALA A 194 -23.51 -5.43 5.65
CA ALA A 194 -24.68 -5.25 4.79
C ALA A 194 -24.50 -3.98 3.95
N PRO A 195 -23.39 -3.87 3.20
CA PRO A 195 -23.10 -2.61 2.50
C PRO A 195 -24.11 -2.28 1.40
N TRP A 196 -24.28 -0.97 1.19
CA TRP A 196 -25.13 -0.38 0.15
C TRP A 196 -24.28 0.66 -0.57
N ASN A 197 -24.33 0.62 -1.90
CA ASN A 197 -23.68 1.62 -2.73
C ASN A 197 -24.43 1.68 -4.07
N THR A 198 -24.34 2.81 -4.77
CA THR A 198 -25.06 2.92 -6.05
C THR A 198 -24.55 1.92 -7.08
N SER A 199 -23.25 1.61 -7.07
CA SER A 199 -22.67 0.72 -8.06
C SER A 199 -21.57 -0.11 -7.43
N SER A 200 -21.23 -1.20 -8.12
CA SER A 200 -20.03 -1.96 -7.79
C SER A 200 -18.83 -1.55 -8.63
N LEU A 201 -19.04 -0.70 -9.64
CA LEU A 201 -18.06 -0.49 -10.69
C LEU A 201 -16.82 0.25 -10.23
N GLY A 202 -16.89 1.02 -9.15
CA GLY A 202 -15.74 1.70 -8.59
C GLY A 202 -14.86 0.87 -7.70
N PHE A 203 -15.24 -0.39 -7.49
CA PHE A 203 -14.59 -1.27 -6.52
C PHE A 203 -13.67 -2.29 -7.19
N ARG A 204 -13.42 -2.19 -8.50
CA ARG A 204 -12.77 -3.25 -9.24
C ARG A 204 -11.25 -3.23 -9.13
N SER A 205 -10.69 -2.27 -8.40
CA SER A 205 -9.26 -2.20 -8.14
C SER A 205 -8.88 -2.13 -6.67
N ILE A 206 -9.81 -2.40 -5.74
CA ILE A 206 -9.49 -2.37 -4.33
C ILE A 206 -8.41 -3.39 -3.99
N GLU A 207 -7.36 -2.94 -3.30
CA GLU A 207 -6.33 -3.81 -2.74
C GLU A 207 -6.40 -3.91 -1.22
N THR A 208 -7.08 -2.99 -0.57
CA THR A 208 -7.31 -3.09 0.87
C THR A 208 -7.94 -4.43 1.22
N PRO A 209 -7.41 -5.17 2.17
CA PRO A 209 -8.06 -6.42 2.59
C PRO A 209 -9.47 -6.13 3.06
N THR A 210 -10.45 -6.79 2.44
CA THR A 210 -11.85 -6.45 2.64
C THR A 210 -12.70 -7.66 2.99
N LEU A 211 -13.38 -7.57 4.14
N LEU A 211 -13.46 -7.51 4.08
CA LEU A 211 -14.34 -8.57 4.57
CA LEU A 211 -14.36 -8.54 4.60
C LEU A 211 -15.73 -7.97 4.41
C LEU A 211 -15.76 -7.99 4.48
N ILE A 212 -16.65 -8.73 3.81
CA ILE A 212 -18.04 -8.32 3.66
C ILE A 212 -18.93 -9.33 4.39
N PHE A 213 -19.71 -8.81 5.34
CA PHE A 213 -20.82 -9.53 5.93
C PHE A 213 -22.07 -9.19 5.12
N ALA A 214 -22.68 -10.21 4.54
CA ALA A 214 -23.91 -10.12 3.76
C ALA A 214 -25.03 -10.72 4.58
N CYS A 215 -26.18 -10.06 4.58
CA CYS A 215 -27.34 -10.55 5.32
C CYS A 215 -28.29 -11.18 4.31
N GLU A 216 -28.40 -12.51 4.36
CA GLU A 216 -28.98 -13.25 3.24
C GLU A 216 -30.31 -12.68 2.77
N ARG A 217 -31.21 -12.36 3.70
CA ARG A 217 -32.58 -11.98 3.38
C ARG A 217 -32.80 -10.47 3.47
N ASP A 218 -31.73 -9.70 3.27
CA ASP A 218 -31.76 -8.24 3.30
C ASP A 218 -32.63 -7.69 2.18
N SER A 219 -33.64 -6.88 2.51
N SER A 219 -33.63 -6.89 2.53
CA SER A 219 -34.47 -6.26 1.50
CA SER A 219 -34.51 -6.25 1.56
C SER A 219 -34.13 -4.79 1.28
C SER A 219 -34.19 -4.78 1.34
N ILE A 220 -33.24 -4.22 2.08
CA ILE A 220 -32.85 -2.82 1.99
C ILE A 220 -31.60 -2.63 1.13
N ALA A 221 -30.61 -3.49 1.34
CA ALA A 221 -29.42 -3.61 0.49
C ALA A 221 -29.33 -5.05 0.01
N PRO A 222 -30.26 -5.47 -0.86
CA PRO A 222 -30.30 -6.87 -1.26
C PRO A 222 -28.94 -7.38 -1.69
N VAL A 223 -28.55 -8.56 -1.19
N VAL A 223 -28.61 -8.58 -1.22
CA VAL A 223 -27.23 -9.10 -1.47
CA VAL A 223 -27.32 -9.20 -1.45
C VAL A 223 -26.97 -9.21 -2.98
C VAL A 223 -26.99 -9.30 -2.93
N ARG A 224 -27.97 -9.59 -3.76
CA ARG A 224 -27.73 -9.76 -5.18
C ARG A 224 -27.35 -8.46 -5.90
N SER A 225 -27.71 -7.30 -5.36
CA SER A 225 -27.41 -6.01 -5.97
C SER A 225 -26.33 -5.22 -5.25
N HIS A 226 -25.94 -5.63 -4.05
CA HIS A 226 -24.99 -4.90 -3.23
C HIS A 226 -23.89 -5.84 -2.76
N ALA A 227 -24.01 -6.49 -1.60
CA ALA A 227 -22.88 -7.21 -1.03
C ALA A 227 -22.19 -8.17 -2.01
N SER A 228 -22.96 -8.96 -2.76
CA SER A 228 -22.35 -9.98 -3.60
C SER A 228 -21.60 -9.36 -4.76
N PRO A 229 -22.19 -8.48 -5.55
CA PRO A 229 -21.39 -7.85 -6.60
C PRO A 229 -20.25 -7.02 -6.06
N PHE A 230 -20.37 -6.42 -4.87
CA PHE A 230 -19.22 -5.70 -4.34
C PHE A 230 -18.06 -6.65 -4.11
N TYR A 231 -18.33 -7.79 -3.48
CA TYR A 231 -17.26 -8.76 -3.23
C TYR A 231 -16.69 -9.26 -4.54
N ASN A 232 -17.56 -9.56 -5.52
CA ASN A 232 -17.06 -10.10 -6.77
C ASN A 232 -16.29 -9.08 -7.61
N ALA A 233 -16.52 -7.79 -7.40
CA ALA A 233 -15.80 -6.77 -8.14
C ALA A 233 -14.36 -6.65 -7.69
N ILE A 234 -14.10 -6.92 -6.42
CA ILE A 234 -12.75 -6.76 -5.89
C ILE A 234 -11.81 -7.76 -6.54
N PRO A 235 -10.59 -7.36 -6.91
CA PRO A 235 -9.68 -8.29 -7.57
C PRO A 235 -9.46 -9.58 -6.81
N SER A 236 -9.28 -10.67 -7.56
CA SER A 236 -8.99 -11.96 -6.95
C SER A 236 -7.61 -12.00 -6.29
N SER A 237 -6.74 -11.04 -6.60
CA SER A 237 -5.43 -10.98 -5.95
C SER A 237 -5.47 -10.24 -4.63
N THR A 238 -6.59 -9.65 -4.25
CA THR A 238 -6.77 -8.97 -2.99
C THR A 238 -7.23 -9.96 -1.94
N ASP A 239 -6.74 -9.81 -0.71
CA ASP A 239 -7.24 -10.60 0.40
C ASP A 239 -8.68 -10.17 0.67
N LYS A 240 -9.63 -11.07 0.49
CA LYS A 240 -11.03 -10.73 0.68
C LYS A 240 -11.78 -11.94 1.19
N ALA A 241 -12.90 -11.66 1.86
CA ALA A 241 -13.77 -12.71 2.39
C ALA A 241 -15.20 -12.22 2.39
N TYR A 242 -16.12 -13.17 2.22
CA TYR A 242 -17.56 -12.95 2.14
C TYR A 242 -18.21 -13.93 3.08
N PHE A 243 -18.92 -13.43 4.09
CA PHE A 243 -19.70 -14.26 5.00
C PHE A 243 -21.15 -13.83 4.89
N GLU A 244 -21.98 -14.69 4.34
CA GLU A 244 -23.42 -14.43 4.23
C GLU A 244 -24.10 -15.10 5.42
N ILE A 245 -24.81 -14.31 6.21
CA ILE A 245 -25.50 -14.78 7.41
C ILE A 245 -26.90 -15.27 7.03
N SER A 246 -27.11 -16.56 7.26
CA SER A 246 -28.35 -17.25 6.92
C SER A 246 -29.56 -16.57 7.53
N GLY A 247 -30.55 -16.32 6.70
CA GLY A 247 -31.80 -15.67 7.14
C GLY A 247 -31.64 -14.21 7.51
N GLY A 248 -30.51 -13.59 7.24
CA GLY A 248 -30.20 -12.33 7.90
C GLY A 248 -31.05 -11.18 7.41
N ASN A 249 -31.50 -10.36 8.36
CA ASN A 249 -32.16 -9.10 8.03
C ASN A 249 -31.07 -8.02 7.82
N HIS A 250 -31.47 -6.84 7.35
CA HIS A 250 -30.52 -5.79 7.00
C HIS A 250 -29.65 -5.32 8.17
N TYR A 251 -30.10 -5.53 9.39
CA TYR A 251 -29.38 -5.13 10.60
C TYR A 251 -28.54 -6.26 11.13
N CYS A 252 -28.42 -7.38 10.42
CA CYS A 252 -27.86 -8.58 11.03
C CYS A 252 -26.39 -8.43 11.41
N ALA A 253 -25.62 -7.63 10.69
CA ALA A 253 -24.19 -7.48 10.94
C ALA A 253 -23.87 -6.33 11.86
N ASN A 254 -24.87 -5.71 12.47
CA ASN A 254 -24.63 -4.58 13.35
C ASN A 254 -24.23 -5.04 14.75
N GLY A 255 -24.44 -6.29 15.07
CA GLY A 255 -24.13 -6.80 16.36
C GLY A 255 -25.13 -6.40 17.43
N SER A 256 -24.74 -6.61 18.69
CA SER A 256 -25.70 -6.57 19.82
C SER A 256 -26.90 -7.43 19.50
N ASN A 257 -26.63 -8.62 18.96
CA ASN A 257 -27.69 -9.52 18.52
C ASN A 257 -27.24 -10.95 18.59
N ARG A 258 -28.07 -11.84 18.04
CA ARG A 258 -27.81 -13.28 18.10
C ARG A 258 -26.56 -13.71 17.37
N TYR A 259 -25.97 -12.85 16.55
CA TYR A 259 -24.80 -13.21 15.75
C TYR A 259 -23.50 -12.67 16.34
N ASP A 260 -23.53 -12.13 17.57
CA ASP A 260 -22.34 -11.52 18.15
C ASP A 260 -21.12 -12.43 18.11
N ALA A 261 -21.26 -13.72 18.45
CA ALA A 261 -20.09 -14.61 18.47
C ALA A 261 -19.43 -14.70 17.11
N LEU A 262 -20.24 -14.89 16.07
CA LEU A 262 -19.72 -15.01 14.72
C LEU A 262 -19.16 -13.68 14.22
N LEU A 263 -19.89 -12.58 14.43
CA LEU A 263 -19.47 -11.29 13.92
C LEU A 263 -18.15 -10.88 14.52
N GLY A 264 -18.08 -10.95 15.86
CA GLY A 264 -16.85 -10.56 16.49
C GLY A 264 -15.70 -11.48 16.21
N LYS A 265 -15.96 -12.79 16.12
CA LYS A 265 -14.86 -13.71 15.82
C LYS A 265 -14.24 -13.37 14.48
N TYR A 266 -15.05 -13.29 13.43
CA TYR A 266 -14.48 -13.07 12.12
C TYR A 266 -14.00 -11.63 11.95
N GLY A 267 -14.71 -10.66 12.53
CA GLY A 267 -14.31 -9.26 12.37
C GLY A 267 -13.02 -8.94 13.09
N VAL A 268 -12.90 -9.39 14.34
CA VAL A 268 -11.65 -9.20 15.07
C VAL A 268 -10.53 -9.94 14.35
N ALA A 269 -10.75 -11.18 13.93
CA ALA A 269 -9.70 -11.92 13.25
C ALA A 269 -9.24 -11.16 12.02
N TRP A 270 -10.18 -10.57 11.28
CA TRP A 270 -9.82 -9.82 10.08
C TRP A 270 -8.90 -8.65 10.42
N MET A 271 -9.28 -7.87 11.44
CA MET A 271 -8.48 -6.71 11.79
C MET A 271 -7.14 -7.12 12.39
N LYS A 272 -7.13 -8.17 13.20
CA LYS A 272 -5.85 -8.67 13.70
C LYS A 272 -4.92 -9.11 12.57
N LEU A 273 -5.44 -9.90 11.64
CA LEU A 273 -4.63 -10.43 10.56
C LEU A 273 -4.08 -9.31 9.68
N HIS A 274 -4.90 -8.31 9.37
CA HIS A 274 -4.49 -7.33 8.39
C HIS A 274 -3.96 -6.04 8.98
N LEU A 275 -4.52 -5.54 10.05
CA LEU A 275 -3.96 -4.32 10.66
C LEU A 275 -2.79 -4.61 11.57
N ASP A 276 -2.77 -5.76 12.22
CA ASP A 276 -1.62 -6.12 13.11
C ASP A 276 -0.69 -7.11 12.40
N GLN A 277 -1.03 -7.62 11.23
CA GLN A 277 -0.19 -8.66 10.56
C GLN A 277 0.00 -9.82 11.55
N ASP A 278 -1.03 -10.15 12.33
CA ASP A 278 -0.93 -11.16 13.38
C ASP A 278 -1.41 -12.48 12.82
N GLN A 279 -0.47 -13.30 12.38
CA GLN A 279 -0.80 -14.54 11.66
C GLN A 279 -1.48 -15.57 12.54
N ARG A 280 -1.43 -15.40 13.87
CA ARG A 280 -2.15 -16.30 14.75
C ARG A 280 -3.63 -16.32 14.45
N TYR A 281 -4.16 -15.27 13.83
CA TYR A 281 -5.59 -15.19 13.56
C TYR A 281 -5.96 -15.77 12.20
N ALA A 282 -4.99 -16.06 11.33
CA ALA A 282 -5.32 -16.61 10.03
C ALA A 282 -6.10 -17.92 10.09
N PRO A 283 -5.83 -18.85 11.00
CA PRO A 283 -6.57 -20.13 10.98
C PRO A 283 -8.07 -20.01 11.25
N PHE A 284 -8.53 -18.90 11.83
CA PHE A 284 -9.95 -18.69 12.05
C PHE A 284 -10.68 -18.24 10.79
N LEU A 285 -9.94 -17.75 9.81
CA LEU A 285 -10.48 -17.24 8.55
C LEU A 285 -10.25 -18.18 7.39
N CYS A 286 -9.07 -18.79 7.31
CA CYS A 286 -8.68 -19.66 6.21
C CYS A 286 -8.44 -21.04 6.77
N GLY A 287 -9.26 -21.99 6.35
CA GLY A 287 -9.15 -23.36 6.78
C GLY A 287 -10.48 -23.96 7.15
N PRO A 288 -11.23 -23.29 8.03
CA PRO A 288 -12.52 -23.83 8.49
C PRO A 288 -13.55 -23.93 7.37
N ASN A 289 -14.44 -24.90 7.50
CA ASN A 289 -15.57 -25.06 6.57
C ASN A 289 -16.72 -24.21 7.13
N HIS A 290 -16.61 -22.90 6.91
CA HIS A 290 -17.51 -21.95 7.55
C HIS A 290 -18.98 -22.27 7.25
N GLU A 291 -19.28 -22.76 6.06
CA GLU A 291 -20.68 -22.98 5.69
C GLU A 291 -21.33 -24.12 6.47
N ARG A 292 -20.56 -24.94 7.19
CA ARG A 292 -21.18 -25.96 8.02
C ARG A 292 -21.98 -25.33 9.16
N ASP A 293 -21.59 -24.13 9.59
N ASP A 293 -21.56 -24.14 9.61
CA ASP A 293 -22.34 -23.47 10.63
CA ASP A 293 -22.31 -23.36 10.60
C ASP A 293 -23.70 -23.06 10.08
C ASP A 293 -23.70 -23.03 10.06
N ARG A 294 -24.75 -23.37 10.82
CA ARG A 294 -26.10 -23.04 10.41
C ARG A 294 -26.30 -21.54 10.20
N GLN A 295 -25.48 -20.71 10.83
CA GLN A 295 -25.62 -19.27 10.67
C GLN A 295 -25.01 -18.74 9.39
N ILE A 296 -24.24 -19.55 8.67
CA ILE A 296 -23.52 -19.08 7.48
C ILE A 296 -24.10 -19.79 6.27
N SER A 297 -24.83 -19.05 5.42
CA SER A 297 -25.41 -19.63 4.22
C SER A 297 -24.47 -19.65 3.03
N GLU A 298 -23.44 -18.80 3.04
CA GLU A 298 -22.45 -18.82 1.98
C GLU A 298 -21.16 -18.22 2.50
N HIS A 299 -20.04 -18.79 2.08
CA HIS A 299 -18.73 -18.19 2.33
C HIS A 299 -17.93 -18.20 1.04
N ARG A 300 -17.21 -17.11 0.79
CA ARG A 300 -16.25 -17.01 -0.30
C ARG A 300 -15.00 -16.35 0.27
N SER A 301 -13.84 -16.67 -0.30
CA SER A 301 -12.64 -15.95 0.09
C SER A 301 -11.53 -16.22 -0.92
N THR A 302 -10.48 -15.41 -0.83
CA THR A 302 -9.26 -15.64 -1.58
C THR A 302 -8.18 -16.27 -0.71
N CYS A 303 -8.57 -17.00 0.31
CA CYS A 303 -7.63 -17.79 1.09
C CYS A 303 -6.88 -18.77 0.19
N PRO A 304 -5.63 -19.10 0.53
CA PRO A 304 -4.85 -18.63 1.67
C PRO A 304 -4.29 -17.24 1.38
N PHE A 305 -4.16 -16.42 2.41
CA PHE A 305 -3.68 -15.05 2.27
C PHE A 305 -2.16 -15.05 2.32
N GLY B 42 22.72 -15.46 -22.10
CA GLY B 42 22.61 -14.70 -20.87
C GLY B 42 22.09 -13.29 -21.08
N TYR B 43 21.71 -12.64 -19.97
CA TYR B 43 21.23 -11.28 -20.01
C TYR B 43 22.32 -10.23 -19.82
N ALA B 44 23.54 -10.61 -19.47
CA ALA B 44 24.56 -9.62 -19.22
C ALA B 44 24.95 -8.85 -20.49
N ARG B 45 25.11 -7.55 -20.33
CA ARG B 45 25.46 -6.64 -21.41
C ARG B 45 26.63 -5.78 -21.01
N GLY B 46 27.46 -5.46 -21.99
CA GLY B 46 28.50 -4.48 -21.76
C GLY B 46 29.80 -5.03 -21.19
N PRO B 47 30.77 -4.15 -21.07
CA PRO B 47 32.08 -4.57 -20.57
C PRO B 47 32.07 -4.88 -19.08
N ASP B 48 33.11 -5.57 -18.65
CA ASP B 48 33.23 -5.85 -17.22
C ASP B 48 33.35 -4.53 -16.46
N PRO B 49 32.60 -4.35 -15.38
CA PRO B 49 32.58 -3.05 -14.69
C PRO B 49 33.77 -2.85 -13.76
N THR B 50 34.06 -1.58 -13.53
CA THR B 50 34.92 -1.12 -12.44
C THR B 50 34.24 0.07 -11.80
N GLU B 51 34.75 0.48 -10.64
CA GLU B 51 34.15 1.60 -9.91
C GLU B 51 34.16 2.89 -10.72
N SER B 52 35.31 3.25 -11.32
CA SER B 52 35.37 4.51 -12.04
C SER B 52 34.45 4.49 -13.24
N PHE B 53 34.34 3.34 -13.89
CA PHE B 53 33.40 3.17 -15.00
C PHE B 53 31.96 3.44 -14.57
N LEU B 54 31.59 2.94 -13.41
CA LEU B 54 30.24 3.12 -12.91
C LEU B 54 30.00 4.53 -12.38
N GLU B 55 31.02 5.25 -11.98
CA GLU B 55 30.89 6.63 -11.50
C GLU B 55 30.82 7.64 -12.64
N ALA B 56 31.23 7.27 -13.85
CA ALA B 56 31.28 8.21 -14.96
C ALA B 56 29.91 8.73 -15.30
N ASP B 57 29.89 9.93 -15.88
CA ASP B 57 28.62 10.57 -16.22
C ASP B 57 27.84 9.78 -17.28
N SER B 58 28.54 9.06 -18.17
CA SER B 58 27.86 8.23 -19.16
C SER B 58 28.39 6.81 -19.15
N GLY B 59 27.48 5.86 -19.39
CA GLY B 59 27.85 4.51 -19.66
C GLY B 59 28.38 4.37 -21.08
N PRO B 60 28.69 3.13 -21.46
CA PRO B 60 29.39 2.89 -22.73
C PRO B 60 28.56 2.96 -23.97
N TYR B 61 27.23 2.86 -23.87
CA TYR B 61 26.40 2.80 -25.05
C TYR B 61 26.00 4.20 -25.51
N THR B 62 25.95 4.38 -26.80
CA THR B 62 25.42 5.57 -27.41
C THR B 62 23.90 5.43 -27.40
N ILE B 63 23.21 6.51 -27.04
CA ILE B 63 21.77 6.44 -26.89
C ILE B 63 21.07 7.43 -27.79
N ALA B 64 19.79 7.13 -28.04
CA ALA B 64 18.87 8.01 -28.73
C ALA B 64 17.65 8.19 -27.86
N THR B 65 16.78 9.11 -28.26
CA THR B 65 15.55 9.34 -27.56
C THR B 65 14.37 9.31 -28.50
N SER B 66 13.21 9.02 -27.91
CA SER B 66 11.95 9.09 -28.63
C SER B 66 10.90 9.65 -27.70
N ASN B 67 10.13 10.63 -28.18
CA ASN B 67 9.11 11.26 -27.37
C ASN B 67 7.80 10.50 -27.43
N VAL B 68 7.13 10.42 -26.28
CA VAL B 68 5.82 9.77 -26.15
C VAL B 68 4.83 10.85 -25.74
N SER B 69 3.84 11.08 -26.57
CA SER B 69 2.88 12.13 -26.30
C SER B 69 2.03 11.82 -25.08
N SER B 70 1.58 12.89 -24.41
CA SER B 70 0.68 12.74 -23.27
C SER B 70 -0.66 12.14 -23.66
N LEU B 71 -0.98 12.11 -24.95
CA LEU B 71 -2.19 11.44 -25.41
C LEU B 71 -2.14 9.93 -25.20
N VAL B 72 -0.98 9.38 -24.87
CA VAL B 72 -0.88 7.95 -24.60
C VAL B 72 -1.81 7.58 -23.45
N ARG B 73 -2.38 6.38 -23.54
CA ARG B 73 -3.32 5.90 -22.52
C ARG B 73 -2.57 5.38 -21.30
N GLY B 74 -3.00 5.83 -20.12
CA GLY B 74 -2.54 5.24 -18.89
C GLY B 74 -1.48 6.02 -18.14
N PHE B 75 -0.89 7.03 -18.77
CA PHE B 75 0.08 7.92 -18.13
C PHE B 75 0.16 9.21 -18.94
N GLY B 76 1.06 10.10 -18.52
CA GLY B 76 1.07 11.45 -19.08
C GLY B 76 2.14 11.69 -20.13
N GLY B 77 2.59 10.63 -20.80
CA GLY B 77 3.63 10.76 -21.79
C GLY B 77 4.99 10.62 -21.17
N GLY B 78 6.02 10.77 -21.98
CA GLY B 78 7.36 10.57 -21.48
C GLY B 78 8.42 10.64 -22.56
N THR B 79 9.64 10.35 -22.16
CA THR B 79 10.79 10.33 -23.06
C THR B 79 11.47 8.98 -22.92
N ILE B 80 11.60 8.25 -24.04
CA ILE B 80 12.31 6.98 -24.02
C ILE B 80 13.76 7.26 -24.37
N TYR B 81 14.67 6.73 -23.56
CA TYR B 81 16.10 6.74 -23.81
C TYR B 81 16.51 5.31 -24.06
N TYR B 82 17.25 5.05 -25.14
CA TYR B 82 17.61 3.66 -25.47
C TYR B 82 18.94 3.60 -26.19
N PRO B 83 19.70 2.53 -26.00
CA PRO B 83 20.92 2.36 -26.79
C PRO B 83 20.65 2.11 -28.26
N VAL B 84 21.52 2.64 -29.11
CA VAL B 84 21.45 2.33 -30.53
C VAL B 84 22.36 1.19 -30.92
N ASN B 85 23.23 0.75 -30.02
CA ASN B 85 24.30 -0.21 -30.27
C ASN B 85 24.44 -1.25 -29.16
N ALA B 86 23.33 -1.69 -28.56
CA ALA B 86 23.40 -2.78 -27.61
C ALA B 86 23.33 -4.13 -28.32
N GLU B 87 23.94 -5.14 -27.71
CA GLU B 87 24.16 -6.41 -28.39
C GLU B 87 23.01 -7.41 -28.23
N GLY B 88 21.93 -7.06 -27.55
CA GLY B 88 20.80 -7.98 -27.37
C GLY B 88 19.62 -7.30 -26.68
N THR B 89 18.55 -8.09 -26.45
N THR B 89 18.56 -8.11 -26.45
CA THR B 89 17.37 -7.57 -25.78
CA THR B 89 17.38 -7.62 -25.77
C THR B 89 17.70 -7.17 -24.35
C THR B 89 17.70 -7.18 -24.34
N MET B 90 16.99 -6.16 -23.86
CA MET B 90 17.30 -5.53 -22.59
C MET B 90 16.08 -5.45 -21.67
N ALA B 91 16.34 -5.26 -20.39
CA ALA B 91 15.29 -4.89 -19.47
C ALA B 91 14.82 -3.46 -19.72
N ALA B 92 13.56 -3.22 -19.36
CA ALA B 92 12.94 -1.90 -19.47
C ALA B 92 12.69 -1.34 -18.09
N ILE B 93 12.87 -0.02 -17.96
CA ILE B 93 12.74 0.69 -16.70
C ILE B 93 11.93 1.96 -16.91
N VAL B 94 10.97 2.22 -16.00
CA VAL B 94 10.22 3.48 -15.96
C VAL B 94 10.71 4.30 -14.77
N VAL B 95 10.92 5.59 -15.00
CA VAL B 95 11.31 6.54 -13.95
C VAL B 95 10.20 7.56 -13.80
N ILE B 96 9.72 7.75 -12.58
CA ILE B 96 8.55 8.57 -12.30
C ILE B 96 8.85 9.60 -11.22
N PRO B 97 8.41 10.87 -11.41
CA PRO B 97 8.63 11.91 -10.41
C PRO B 97 7.59 11.89 -9.29
N GLY B 98 7.58 12.96 -8.48
CA GLY B 98 6.74 13.05 -7.32
C GLY B 98 5.62 14.05 -7.49
N TYR B 99 4.94 14.31 -6.37
CA TYR B 99 3.84 15.27 -6.31
C TYR B 99 4.25 16.64 -6.82
N MET B 100 3.40 17.21 -7.67
CA MET B 100 3.59 18.56 -8.19
C MET B 100 4.87 18.72 -8.97
N SER B 101 5.39 17.63 -9.53
CA SER B 101 6.63 17.68 -10.28
CA SER B 101 6.64 17.70 -10.29
C SER B 101 6.47 17.03 -11.65
N TYR B 102 7.34 17.43 -12.55
CA TYR B 102 7.32 16.93 -13.90
C TYR B 102 8.52 16.03 -14.15
N GLN B 103 8.44 15.38 -15.31
CA GLN B 103 9.46 14.45 -15.75
C GLN B 103 10.87 15.01 -15.63
N SER B 104 11.06 16.29 -15.92
CA SER B 104 12.39 16.87 -15.89
C SER B 104 13.05 16.74 -14.53
N SER B 105 12.28 16.63 -13.45
CA SER B 105 12.88 16.53 -12.13
C SER B 105 13.69 15.27 -11.91
N ILE B 106 13.46 14.23 -12.71
CA ILE B 106 14.19 12.96 -12.56
C ILE B 106 14.95 12.57 -13.83
N SER B 107 15.18 13.53 -14.71
CA SER B 107 15.75 13.25 -16.03
C SER B 107 17.14 12.65 -15.98
N PHE B 108 17.94 12.97 -14.96
CA PHE B 108 19.27 12.33 -14.80
C PHE B 108 19.23 10.84 -15.04
N TRP B 109 18.20 10.16 -14.54
CA TRP B 109 18.14 8.72 -14.56
C TRP B 109 17.91 8.15 -15.97
N GLY B 110 17.35 8.91 -16.90
CA GLY B 110 17.11 8.41 -18.23
C GLY B 110 18.40 8.05 -18.96
N PRO B 111 19.25 9.04 -19.22
CA PRO B 111 20.52 8.74 -19.91
C PRO B 111 21.43 7.87 -19.07
N ARG B 112 21.48 8.07 -17.76
CA ARG B 112 22.43 7.33 -16.94
C ARG B 112 22.16 5.85 -16.97
N LEU B 113 20.88 5.45 -16.86
CA LEU B 113 20.56 4.04 -16.97
C LEU B 113 20.64 3.56 -18.42
N ALA B 114 20.09 4.32 -19.38
CA ALA B 114 20.03 3.81 -20.75
C ALA B 114 21.41 3.56 -21.32
N SER B 115 22.37 4.43 -21.00
CA SER B 115 23.72 4.32 -21.53
C SER B 115 24.47 3.12 -20.97
N HIS B 116 23.88 2.42 -20.00
CA HIS B 116 24.41 1.14 -19.50
C HIS B 116 23.61 -0.05 -20.00
N GLY B 117 22.77 0.12 -21.02
CA GLY B 117 22.15 -1.05 -21.64
C GLY B 117 20.77 -1.37 -21.07
N PHE B 118 19.90 -0.36 -20.99
CA PHE B 118 18.52 -0.50 -20.61
C PHE B 118 17.66 0.37 -21.49
N VAL B 119 16.40 -0.03 -21.66
CA VAL B 119 15.41 0.84 -22.33
C VAL B 119 14.69 1.58 -21.21
N VAL B 120 14.79 2.91 -21.18
CA VAL B 120 14.40 3.66 -19.99
C VAL B 120 13.46 4.78 -20.37
N MET B 121 12.29 4.85 -19.78
CA MET B 121 11.37 5.94 -20.07
C MET B 121 11.13 6.76 -18.81
N THR B 122 11.44 8.06 -18.88
CA THR B 122 11.05 9.01 -17.83
C THR B 122 9.64 9.47 -18.15
N ILE B 123 8.74 9.43 -17.18
CA ILE B 123 7.34 9.73 -17.48
C ILE B 123 6.83 10.96 -16.74
N ASP B 124 5.80 11.55 -17.33
CA ASP B 124 4.88 12.40 -16.60
C ASP B 124 3.64 11.60 -16.21
N THR B 125 3.01 12.02 -15.13
CA THR B 125 1.75 11.42 -14.72
C THR B 125 0.60 12.14 -15.39
N ASN B 126 -0.59 11.54 -15.28
CA ASN B 126 -1.78 12.17 -15.85
C ASN B 126 -1.97 13.59 -15.32
N ARG B 127 -1.84 13.77 -13.99
CA ARG B 127 -1.81 15.08 -13.37
C ARG B 127 -0.69 15.11 -12.35
N ILE B 128 -0.08 16.28 -12.16
CA ILE B 128 1.03 16.37 -11.23
C ILE B 128 0.55 16.13 -9.81
N SER B 129 -0.74 16.25 -9.56
CA SER B 129 -1.30 16.04 -8.24
C SER B 129 -1.61 14.58 -7.93
N ASP B 130 -1.33 13.64 -8.83
CA ASP B 130 -1.68 12.24 -8.57
C ASP B 130 -0.94 11.69 -7.35
N GLN B 131 -1.62 10.82 -6.62
CA GLN B 131 -1.16 10.22 -5.37
C GLN B 131 -0.54 8.85 -5.61
N PRO B 132 0.12 8.26 -4.61
CA PRO B 132 0.93 7.05 -4.88
C PRO B 132 0.16 5.88 -5.49
N PRO B 133 -1.10 5.60 -5.09
CA PRO B 133 -1.82 4.49 -5.75
C PRO B 133 -2.00 4.68 -7.25
N SER B 134 -2.44 5.89 -7.65
CA SER B 134 -2.53 6.20 -9.08
C SER B 134 -1.16 6.13 -9.76
N ARG B 135 -0.12 6.58 -9.09
CA ARG B 135 1.27 6.53 -9.63
C ARG B 135 1.64 5.07 -9.87
N ARG B 136 1.30 4.16 -8.97
CA ARG B 136 1.57 2.74 -9.18
C ARG B 136 0.91 2.26 -10.48
N ASP B 137 -0.35 2.63 -10.70
CA ASP B 137 -1.05 2.21 -11.91
C ASP B 137 -0.38 2.78 -13.15
N GLN B 138 0.11 4.01 -13.05
CA GLN B 138 0.73 4.65 -14.21
C GLN B 138 2.09 4.05 -14.52
N ILE B 139 2.87 3.66 -13.52
CA ILE B 139 4.11 2.94 -13.77
C ILE B 139 3.81 1.66 -14.53
N GLU B 140 2.81 0.92 -14.06
CA GLU B 140 2.44 -0.34 -14.69
C GLU B 140 2.05 -0.12 -16.13
N ALA B 141 1.21 0.89 -16.38
CA ALA B 141 0.78 1.20 -17.74
C ALA B 141 1.96 1.60 -18.63
N ALA B 142 2.90 2.37 -18.08
CA ALA B 142 4.07 2.78 -18.85
C ALA B 142 4.97 1.60 -19.19
N LEU B 143 5.14 0.66 -18.27
CA LEU B 143 5.91 -0.53 -18.60
C LEU B 143 5.21 -1.37 -19.66
N GLU B 144 3.88 -1.50 -19.57
CA GLU B 144 3.14 -2.22 -20.60
C GLU B 144 3.30 -1.53 -21.94
N TYR B 145 3.32 -0.20 -21.92
CA TYR B 145 3.52 0.54 -23.17
C TYR B 145 4.88 0.22 -23.78
N LEU B 146 5.93 0.14 -22.99
CA LEU B 146 7.23 -0.18 -23.54
C LEU B 146 7.26 -1.59 -24.11
N VAL B 147 6.60 -2.54 -23.45
CA VAL B 147 6.52 -3.90 -23.97
C VAL B 147 5.78 -3.91 -25.30
N ASP B 148 4.65 -3.20 -25.36
CA ASP B 148 3.87 -3.16 -26.59
C ASP B 148 4.64 -2.51 -27.72
N GLN B 149 5.36 -1.44 -27.42
CA GLN B 149 6.14 -0.80 -28.47
C GLN B 149 7.26 -1.71 -28.97
N SER B 150 7.94 -2.41 -28.07
CA SER B 150 8.95 -3.36 -28.49
C SER B 150 8.37 -4.43 -29.40
N ASN B 151 7.11 -4.79 -29.22
CA ASN B 151 6.47 -5.77 -30.06
C ASN B 151 5.98 -5.20 -31.37
N SER B 152 6.26 -3.93 -31.68
CA SER B 152 5.71 -3.28 -32.86
C SER B 152 6.83 -2.92 -33.83
N SER B 153 6.68 -3.37 -35.07
CA SER B 153 7.57 -2.96 -36.14
C SER B 153 7.49 -1.47 -36.46
N ARG B 154 6.51 -0.76 -35.94
CA ARG B 154 6.38 0.68 -36.12
C ARG B 154 7.11 1.49 -35.05
N SER B 155 7.82 0.86 -34.12
CA SER B 155 8.45 1.57 -33.04
C SER B 155 9.97 1.60 -33.21
N PRO B 156 10.61 2.71 -32.85
CA PRO B 156 12.08 2.72 -32.82
C PRO B 156 12.66 1.67 -31.90
N ILE B 157 11.97 1.28 -30.84
CA ILE B 157 12.49 0.31 -29.88
C ILE B 157 12.03 -1.12 -30.17
N ASN B 158 11.51 -1.36 -31.38
CA ASN B 158 11.13 -2.70 -31.79
C ASN B 158 12.21 -3.72 -31.47
N GLY B 159 11.80 -4.77 -30.77
CA GLY B 159 12.65 -5.89 -30.43
C GLY B 159 13.54 -5.73 -29.23
N MET B 160 13.58 -4.54 -28.65
CA MET B 160 14.62 -4.24 -27.67
C MET B 160 14.29 -4.64 -26.23
N VAL B 161 13.03 -4.93 -25.91
CA VAL B 161 12.60 -5.14 -24.53
C VAL B 161 12.29 -6.59 -24.28
N ASP B 162 12.85 -7.12 -23.19
CA ASP B 162 12.46 -8.42 -22.67
C ASP B 162 11.31 -8.22 -21.68
N PRO B 163 10.09 -8.63 -22.00
CA PRO B 163 8.96 -8.33 -21.11
C PRO B 163 9.07 -8.98 -19.74
N ASN B 164 9.99 -9.93 -19.58
CA ASN B 164 10.12 -10.61 -18.29
C ASN B 164 11.02 -9.86 -17.32
N ARG B 165 11.61 -8.73 -17.73
CA ARG B 165 12.65 -8.06 -16.95
C ARG B 165 12.35 -6.58 -16.93
N LEU B 166 11.61 -6.15 -15.91
CA LEU B 166 11.03 -4.81 -15.84
C LEU B 166 11.39 -4.19 -14.52
N GLY B 167 11.79 -2.91 -14.54
CA GLY B 167 12.12 -2.20 -13.32
C GLY B 167 11.46 -0.84 -13.25
N ALA B 168 11.50 -0.25 -12.04
CA ALA B 168 10.98 1.09 -11.83
C ALA B 168 11.84 1.83 -10.83
N VAL B 169 11.92 3.14 -11.05
CA VAL B 169 12.64 4.10 -10.22
C VAL B 169 11.67 5.24 -9.95
N GLY B 170 11.48 5.60 -8.69
CA GLY B 170 10.50 6.61 -8.39
C GLY B 170 10.91 7.56 -7.27
N TRP B 171 10.65 8.85 -7.47
CA TRP B 171 10.97 9.89 -6.50
C TRP B 171 9.74 10.26 -5.69
N SER B 172 9.87 10.19 -4.37
CA SER B 172 8.89 10.77 -3.46
C SER B 172 7.57 10.03 -3.65
N MET B 173 6.45 10.69 -3.95
CA MET B 173 5.21 9.94 -4.14
C MET B 173 5.39 8.91 -5.26
N GLY B 174 6.23 9.22 -6.26
CA GLY B 174 6.52 8.22 -7.27
C GLY B 174 7.28 7.04 -6.73
N GLY B 175 8.10 7.27 -5.70
CA GLY B 175 8.72 6.17 -4.98
C GLY B 175 7.71 5.35 -4.19
N GLY B 176 6.72 6.00 -3.58
CA GLY B 176 5.60 5.24 -3.01
C GLY B 176 4.93 4.38 -4.07
N GLY B 177 4.69 4.95 -5.27
CA GLY B 177 4.08 4.15 -6.31
C GLY B 177 4.93 2.98 -6.76
N THR B 178 6.24 3.21 -6.84
CA THR B 178 7.19 2.16 -7.19
C THR B 178 7.15 1.02 -6.17
N LEU B 179 7.23 1.36 -4.87
CA LEU B 179 7.17 0.33 -3.86
C LEU B 179 5.82 -0.39 -3.84
N ARG B 180 4.73 0.33 -4.14
CA ARG B 180 3.44 -0.31 -4.29
C ARG B 180 3.44 -1.32 -5.43
N LEU B 181 4.06 -0.97 -6.55
CA LEU B 181 4.07 -1.92 -7.66
C LEU B 181 4.97 -3.11 -7.35
N ALA B 182 6.07 -2.87 -6.64
CA ALA B 182 6.90 -3.97 -6.14
C ALA B 182 6.11 -4.91 -5.23
N ALA B 183 5.27 -4.35 -4.36
CA ALA B 183 4.50 -5.19 -3.45
C ALA B 183 3.49 -6.05 -4.20
N ASP B 184 3.05 -5.60 -5.38
CA ASP B 184 2.14 -6.35 -6.24
C ASP B 184 2.86 -7.27 -7.24
N ASP B 185 4.17 -7.44 -7.11
CA ASP B 185 4.95 -8.30 -8.01
C ASP B 185 4.94 -7.81 -9.44
N GLY B 186 4.87 -6.50 -9.63
CA GLY B 186 4.74 -5.96 -10.96
C GLY B 186 6.04 -5.59 -11.61
N ILE B 187 7.17 -5.77 -10.92
CA ILE B 187 8.50 -5.41 -11.38
C ILE B 187 9.50 -6.37 -10.76
N GLN B 188 10.66 -6.49 -11.40
CA GLN B 188 11.74 -7.37 -11.01
C GLN B 188 12.86 -6.63 -10.29
N ALA B 189 12.81 -5.29 -10.24
CA ALA B 189 13.71 -4.50 -9.42
C ALA B 189 13.08 -3.15 -9.21
N ALA B 190 13.35 -2.57 -8.03
CA ALA B 190 12.76 -1.29 -7.66
C ALA B 190 13.80 -0.41 -7.02
N ILE B 191 13.77 0.88 -7.35
CA ILE B 191 14.59 1.89 -6.68
C ILE B 191 13.68 3.01 -6.20
N GLY B 192 13.74 3.32 -4.90
CA GLY B 192 13.01 4.45 -4.36
C GLY B 192 13.98 5.60 -4.09
N LEU B 193 13.64 6.77 -4.64
CA LEU B 193 14.45 8.00 -4.48
C LEU B 193 13.69 8.85 -3.46
N ALA B 194 14.19 8.98 -2.24
CA ALA B 194 13.52 9.75 -1.20
C ALA B 194 12.02 9.43 -1.18
N PRO B 195 11.66 8.16 -1.07
CA PRO B 195 10.26 7.76 -1.25
C PRO B 195 9.33 8.33 -0.18
N TRP B 196 8.07 8.50 -0.57
CA TRP B 196 6.99 8.98 0.30
C TRP B 196 5.78 8.09 0.07
N ASN B 197 5.12 7.70 1.17
CA ASN B 197 3.88 6.94 1.12
C ASN B 197 3.17 7.18 2.44
N THR B 198 1.84 6.97 2.46
CA THR B 198 1.12 7.21 3.71
C THR B 198 1.26 6.08 4.72
N SER B 199 1.73 4.91 4.30
CA SER B 199 1.85 3.77 5.20
C SER B 199 2.97 2.89 4.74
N SER B 200 3.64 2.26 5.69
CA SER B 200 4.61 1.23 5.43
C SER B 200 4.04 -0.18 5.42
N LEU B 201 2.78 -0.36 5.80
CA LEU B 201 2.26 -1.67 6.12
C LEU B 201 2.22 -2.57 4.88
N GLY B 202 1.90 -2.00 3.72
CA GLY B 202 1.80 -2.78 2.51
C GLY B 202 3.12 -3.20 1.93
N PHE B 203 4.22 -2.74 2.48
CA PHE B 203 5.54 -3.07 1.98
C PHE B 203 6.12 -4.30 2.67
N ARG B 204 5.39 -4.87 3.63
CA ARG B 204 5.88 -5.97 4.44
C ARG B 204 5.94 -7.28 3.67
N SER B 205 5.51 -7.39 2.45
CA SER B 205 5.75 -8.68 1.74
C SER B 205 6.46 -8.42 0.41
N ILE B 206 7.05 -7.24 0.17
CA ILE B 206 7.81 -7.05 -1.05
C ILE B 206 8.89 -8.10 -1.18
N GLU B 207 8.91 -8.79 -2.33
CA GLU B 207 9.97 -9.73 -2.68
C GLU B 207 10.84 -9.18 -3.80
N THR B 208 10.39 -8.16 -4.51
CA THR B 208 11.19 -7.52 -5.53
C THR B 208 12.47 -6.95 -4.92
N PRO B 209 13.64 -7.20 -5.50
CA PRO B 209 14.86 -6.54 -5.00
C PRO B 209 14.71 -5.03 -5.03
N THR B 210 14.90 -4.42 -3.87
CA THR B 210 14.55 -3.02 -3.67
C THR B 210 15.70 -2.25 -3.05
N LEU B 211 16.12 -1.17 -3.70
N LEU B 211 16.10 -1.17 -3.69
N LEU B 211 16.11 -1.16 -3.71
CA LEU B 211 17.11 -0.25 -3.19
CA LEU B 211 17.09 -0.25 -3.18
CA LEU B 211 17.12 -0.23 -3.24
C LEU B 211 16.44 1.08 -2.87
C LEU B 211 16.41 1.07 -2.86
C LEU B 211 16.43 1.09 -2.89
N ILE B 212 16.70 1.60 -1.68
CA ILE B 212 16.16 2.88 -1.25
C ILE B 212 17.30 3.85 -0.99
N PHE B 213 17.25 4.99 -1.68
CA PHE B 213 18.12 6.12 -1.38
C PHE B 213 17.33 7.02 -0.44
N ALA B 214 17.87 7.24 0.74
CA ALA B 214 17.31 8.14 1.74
C ALA B 214 18.13 9.41 1.77
N CYS B 215 17.48 10.54 1.82
CA CYS B 215 18.19 11.83 1.84
C CYS B 215 18.22 12.33 3.28
N GLU B 216 19.40 12.34 3.90
CA GLU B 216 19.53 12.48 5.35
C GLU B 216 18.70 13.63 5.91
N ARG B 217 18.76 14.81 5.27
CA ARG B 217 18.17 16.03 5.80
C ARG B 217 16.80 16.32 5.18
N ASP B 218 16.19 15.32 4.55
CA ASP B 218 14.90 15.49 3.90
C ASP B 218 13.85 15.96 4.89
N SER B 219 13.22 17.10 4.61
CA SER B 219 12.17 17.64 5.46
C SER B 219 10.79 17.47 4.85
N ILE B 220 10.72 16.90 3.65
CA ILE B 220 9.45 16.71 2.96
C ILE B 220 8.96 15.28 3.08
N ALA B 221 9.87 14.33 2.91
CA ALA B 221 9.65 12.91 3.18
C ALA B 221 10.70 12.49 4.21
N PRO B 222 10.55 12.93 5.45
CA PRO B 222 11.61 12.69 6.43
C PRO B 222 11.95 11.20 6.49
N VAL B 223 13.24 10.93 6.59
CA VAL B 223 13.73 9.55 6.58
C VAL B 223 13.11 8.73 7.69
N ARG B 224 12.93 9.33 8.86
CA ARG B 224 12.41 8.56 9.99
C ARG B 224 10.96 8.16 9.80
N SER B 225 10.22 8.86 8.94
CA SER B 225 8.81 8.59 8.71
C SER B 225 8.55 7.86 7.39
N HIS B 226 9.52 7.84 6.48
CA HIS B 226 9.35 7.26 5.16
C HIS B 226 10.44 6.27 4.81
N ALA B 227 11.55 6.75 4.25
CA ALA B 227 12.55 5.84 3.70
C ALA B 227 12.95 4.75 4.71
N SER B 228 13.27 5.15 5.94
CA SER B 228 13.75 4.17 6.92
C SER B 228 12.69 3.12 7.26
N PRO B 229 11.48 3.48 7.69
CA PRO B 229 10.49 2.42 7.97
C PRO B 229 10.10 1.64 6.73
N PHE B 230 10.12 2.26 5.55
CA PHE B 230 9.82 1.48 4.35
C PHE B 230 10.85 0.39 4.14
N TYR B 231 12.14 0.74 4.22
CA TYR B 231 13.20 -0.26 4.10
C TYR B 231 13.03 -1.34 5.17
N ASN B 232 12.81 -0.93 6.42
CA ASN B 232 12.74 -1.90 7.52
C ASN B 232 11.53 -2.82 7.37
N ALA B 233 10.46 -2.35 6.70
CA ALA B 233 9.26 -3.18 6.54
C ALA B 233 9.48 -4.33 5.58
N ILE B 234 10.38 -4.16 4.61
CA ILE B 234 10.59 -5.21 3.60
C ILE B 234 11.19 -6.44 4.27
N PRO B 235 10.73 -7.63 3.92
CA PRO B 235 11.28 -8.85 4.53
C PRO B 235 12.79 -8.93 4.47
N SER B 236 13.38 -9.45 5.56
CA SER B 236 14.81 -9.70 5.58
C SER B 236 15.23 -10.76 4.57
N SER B 237 14.29 -11.55 4.05
CA SER B 237 14.59 -12.55 3.02
C SER B 237 14.63 -11.97 1.61
N THR B 238 14.27 -10.69 1.44
CA THR B 238 14.34 -10.01 0.16
C THR B 238 15.68 -9.33 0.00
N ASP B 239 16.23 -9.34 -1.23
CA ASP B 239 17.42 -8.56 -1.54
C ASP B 239 17.05 -7.08 -1.43
N LYS B 240 17.67 -6.35 -0.50
CA LYS B 240 17.33 -4.96 -0.30
C LYS B 240 18.58 -4.24 0.17
N ALA B 241 18.59 -2.94 -0.07
CA ALA B 241 19.69 -2.08 0.34
C ALA B 241 19.16 -0.69 0.64
N TYR B 242 19.85 0.00 1.55
CA TYR B 242 19.47 1.31 2.02
C TYR B 242 20.73 2.16 2.02
N PHE B 243 20.71 3.28 1.32
CA PHE B 243 21.82 4.21 1.31
C PHE B 243 21.30 5.57 1.73
N GLU B 244 21.70 6.03 2.89
CA GLU B 244 21.36 7.36 3.37
C GLU B 244 22.47 8.29 2.89
N ILE B 245 22.07 9.32 2.17
CA ILE B 245 23.01 10.25 1.53
C ILE B 245 23.23 11.44 2.43
N SER B 246 24.50 11.62 2.81
CA SER B 246 24.85 12.59 3.82
C SER B 246 24.55 14.01 3.36
N GLY B 247 23.86 14.77 4.20
CA GLY B 247 23.53 16.15 3.91
C GLY B 247 22.45 16.37 2.87
N GLY B 248 21.79 15.32 2.40
CA GLY B 248 20.91 15.46 1.26
C GLY B 248 19.55 16.03 1.64
N ASN B 249 19.06 16.96 0.81
CA ASN B 249 17.70 17.44 0.94
C ASN B 249 16.79 16.51 0.15
N HIS B 250 15.52 16.86 0.06
CA HIS B 250 14.53 15.97 -0.56
C HIS B 250 14.84 15.66 -2.02
N TYR B 251 15.62 16.50 -2.69
CA TYR B 251 15.97 16.30 -4.10
C TYR B 251 17.29 15.56 -4.29
N CYS B 252 17.91 15.07 -3.22
CA CYS B 252 19.30 14.60 -3.32
C CYS B 252 19.45 13.41 -4.24
N ALA B 253 18.42 12.57 -4.36
CA ALA B 253 18.52 11.33 -5.14
C ALA B 253 18.00 11.50 -6.56
N ASN B 254 17.63 12.72 -6.94
CA ASN B 254 17.17 12.98 -8.30
C ASN B 254 18.32 13.11 -9.28
N GLY B 255 19.54 13.28 -8.80
CA GLY B 255 20.67 13.46 -9.68
C GLY B 255 20.74 14.85 -10.28
N SER B 256 21.63 14.97 -11.28
CA SER B 256 22.06 16.27 -11.78
C SER B 256 22.53 17.16 -10.63
N ASN B 257 23.33 16.57 -9.74
CA ASN B 257 23.78 17.25 -8.51
C ASN B 257 25.10 16.66 -8.08
N ARG B 258 25.54 17.02 -6.86
CA ARG B 258 26.84 16.58 -6.38
C ARG B 258 26.90 15.09 -6.05
N TYR B 259 25.78 14.39 -6.13
CA TYR B 259 25.69 12.97 -5.80
C TYR B 259 25.65 12.05 -7.03
N ASP B 260 25.86 12.61 -8.23
CA ASP B 260 25.67 11.83 -9.46
C ASP B 260 26.52 10.56 -9.50
N ALA B 261 27.79 10.63 -9.13
CA ALA B 261 28.65 9.45 -9.20
C ALA B 261 28.13 8.33 -8.32
N LEU B 262 27.74 8.67 -7.09
CA LEU B 262 27.22 7.70 -6.14
C LEU B 262 25.89 7.13 -6.62
N LEU B 263 24.98 8.00 -7.03
CA LEU B 263 23.66 7.55 -7.45
C LEU B 263 23.75 6.64 -8.64
N GLY B 264 24.48 7.05 -9.67
CA GLY B 264 24.56 6.25 -10.87
C GLY B 264 25.29 4.95 -10.63
N LYS B 265 26.35 4.97 -9.81
CA LYS B 265 27.07 3.72 -9.52
C LYS B 265 26.14 2.69 -8.87
N TYR B 266 25.51 3.07 -7.78
CA TYR B 266 24.70 2.10 -7.04
C TYR B 266 23.40 1.79 -7.76
N GLY B 267 22.81 2.77 -8.43
CA GLY B 267 21.57 2.51 -9.14
C GLY B 267 21.76 1.58 -10.33
N VAL B 268 22.77 1.86 -11.14
CA VAL B 268 23.07 0.97 -12.27
C VAL B 268 23.45 -0.41 -11.75
N ALA B 269 24.33 -0.48 -10.73
CA ALA B 269 24.69 -1.80 -10.24
C ALA B 269 23.45 -2.57 -9.79
N TRP B 270 22.51 -1.91 -9.09
CA TRP B 270 21.29 -2.59 -8.64
C TRP B 270 20.53 -3.17 -9.82
N MET B 271 20.31 -2.36 -10.87
CA MET B 271 19.53 -2.82 -12.01
C MET B 271 20.27 -3.90 -12.78
N LYS B 272 21.58 -3.77 -12.93
CA LYS B 272 22.36 -4.83 -13.56
C LYS B 272 22.26 -6.15 -12.80
N LEU B 273 22.43 -6.10 -11.49
CA LEU B 273 22.42 -7.33 -10.71
C LEU B 273 21.06 -8.01 -10.76
N HIS B 274 19.98 -7.23 -10.67
CA HIS B 274 18.67 -7.81 -10.49
C HIS B 274 17.89 -7.94 -11.77
N LEU B 275 17.95 -6.96 -12.67
CA LEU B 275 17.25 -7.11 -13.94
C LEU B 275 18.02 -7.95 -14.93
N ASP B 276 19.34 -7.90 -14.91
CA ASP B 276 20.14 -8.68 -15.87
C ASP B 276 20.76 -9.89 -15.19
N GLN B 277 20.49 -10.14 -13.90
CA GLN B 277 21.09 -11.28 -13.18
C GLN B 277 22.61 -11.29 -13.40
N ASP B 278 23.19 -10.10 -13.43
CA ASP B 278 24.60 -9.92 -13.81
C ASP B 278 25.46 -9.85 -12.56
N GLN B 279 26.06 -10.98 -12.20
CA GLN B 279 26.81 -11.08 -10.98
C GLN B 279 28.09 -10.26 -11.00
N ARG B 280 28.53 -9.78 -12.17
CA ARG B 280 29.69 -8.90 -12.18
C ARG B 280 29.44 -7.64 -11.36
N TYR B 281 28.17 -7.30 -11.12
CA TYR B 281 27.84 -6.08 -10.39
C TYR B 281 27.64 -6.31 -8.90
N ALA B 282 27.60 -7.57 -8.45
CA ALA B 282 27.39 -7.81 -7.03
C ALA B 282 28.48 -7.21 -6.15
N PRO B 283 29.75 -7.21 -6.54
CA PRO B 283 30.79 -6.71 -5.61
C PRO B 283 30.70 -5.23 -5.32
N PHE B 284 29.98 -4.45 -6.11
CA PHE B 284 29.80 -3.04 -5.83
C PHE B 284 28.78 -2.82 -4.75
N LEU B 285 27.96 -3.82 -4.49
CA LEU B 285 26.86 -3.72 -3.56
C LEU B 285 27.09 -4.49 -2.28
N CYS B 286 27.64 -5.70 -2.37
CA CYS B 286 27.88 -6.57 -1.23
C CYS B 286 29.36 -6.79 -1.08
N GLY B 287 29.91 -6.35 0.05
CA GLY B 287 31.33 -6.43 0.29
C GLY B 287 31.91 -5.15 0.81
N PRO B 288 31.68 -4.04 0.12
CA PRO B 288 32.31 -2.78 0.53
C PRO B 288 31.78 -2.25 1.84
N ASN B 289 32.62 -1.48 2.52
CA ASN B 289 32.18 -0.69 3.67
C ASN B 289 31.73 0.68 3.14
N HIS B 290 30.46 0.70 2.71
CA HIS B 290 29.93 1.88 2.02
C HIS B 290 29.96 3.15 2.85
N GLU B 291 29.89 3.04 4.19
CA GLU B 291 29.86 4.25 5.01
C GLU B 291 31.22 4.97 5.02
N ARG B 292 32.28 4.34 4.52
CA ARG B 292 33.53 5.07 4.35
C ARG B 292 33.40 6.21 3.36
N ASP B 293 32.44 6.12 2.45
CA ASP B 293 32.18 7.18 1.48
C ASP B 293 31.72 8.41 2.25
N ARG B 294 32.35 9.55 1.99
CA ARG B 294 31.98 10.75 2.71
C ARG B 294 30.53 11.14 2.44
N GLN B 295 29.96 10.71 1.34
CA GLN B 295 28.59 11.06 1.00
C GLN B 295 27.57 10.09 1.54
N ILE B 296 28.00 9.02 2.24
CA ILE B 296 27.08 8.02 2.79
C ILE B 296 27.09 8.12 4.31
N SER B 297 25.94 8.50 4.88
CA SER B 297 25.79 8.61 6.33
C SER B 297 25.20 7.35 6.97
N GLU B 298 24.62 6.43 6.20
CA GLU B 298 24.18 5.16 6.74
C GLU B 298 24.00 4.17 5.58
N HIS B 299 24.36 2.93 5.81
CA HIS B 299 24.06 1.85 4.88
C HIS B 299 23.44 0.67 5.63
N ARG B 300 22.41 0.08 5.02
CA ARG B 300 21.89 -1.19 5.49
C ARG B 300 21.72 -2.09 4.28
N SER B 301 21.80 -3.41 4.49
CA SER B 301 21.46 -4.32 3.40
C SER B 301 21.24 -5.72 3.93
N THR B 302 20.65 -6.57 3.09
CA THR B 302 20.56 -8.01 3.36
C THR B 302 21.65 -8.77 2.59
N CYS B 303 22.77 -8.12 2.32
CA CYS B 303 23.90 -8.81 1.76
C CYS B 303 24.37 -9.93 2.70
N PRO B 304 24.92 -11.02 2.16
CA PRO B 304 25.06 -11.32 0.74
C PRO B 304 23.75 -11.78 0.14
N PHE B 305 23.49 -11.43 -1.10
CA PHE B 305 22.24 -11.77 -1.76
C PHE B 305 22.33 -13.19 -2.33
N VAL B 306 21.36 -14.03 -1.99
CA VAL B 306 21.34 -15.40 -2.50
C VAL B 306 21.35 -15.38 -4.03
N ASP B 307 22.12 -16.31 -4.60
CA ASP B 307 22.21 -16.46 -6.06
C ASP B 307 20.88 -16.91 -6.65
NA NA C . -18.60 18.20 12.83
C1 EDO D . -19.55 -15.01 28.40
O1 EDO D . -20.33 -16.02 27.79
C2 EDO D . -19.76 -13.76 27.56
O2 EDO D . -19.16 -13.99 26.27
H11 EDO D . -18.50 -15.29 28.42
H12 EDO D . -19.87 -14.84 29.43
HO1 EDO D . -21.08 -16.26 28.36
H21 EDO D . -19.29 -12.90 28.05
H22 EDO D . -20.83 -13.56 27.45
HO2 EDO D . -19.68 -13.53 25.58
C1 EDO E . -13.68 -21.42 13.42
O1 EDO E . -14.15 -20.88 14.67
C2 EDO E . -13.97 -20.34 12.39
O2 EDO E . -13.40 -19.14 12.90
H11 EDO E . -12.61 -21.62 13.46
H12 EDO E . -14.20 -22.34 13.18
HO1 EDO E . -13.97 -21.52 15.37
H21 EDO E . -15.05 -20.23 12.25
H22 EDO E . -13.54 -20.60 11.43
HO2 EDO E . -13.05 -19.29 13.79
C1 EDO F . -29.06 -18.60 -0.50
O1 EDO F . -29.78 -17.40 -0.78
C2 EDO F . -27.69 -18.22 0.06
O2 EDO F . -26.88 -17.60 -0.95
H11 EDO F . -29.60 -19.20 0.22
H12 EDO F . -28.95 -19.18 -1.42
HO1 EDO F . -29.80 -16.85 0.01
H21 EDO F . -27.19 -19.12 0.43
H22 EDO F . -27.81 -17.53 0.89
HO2 EDO F . -26.77 -18.21 -1.70
C1 EDO G . -1.88 -17.63 26.40
O1 EDO G . -2.79 -18.74 26.38
C2 EDO G . -1.40 -17.45 24.96
O2 EDO G . -0.46 -16.39 24.87
H11 EDO G . -1.04 -17.84 27.06
H12 EDO G . -2.38 -16.73 26.75
HO1 EDO G . -3.06 -18.92 25.47
H21 EDO G . -2.25 -17.24 24.31
H22 EDO G . -0.93 -18.37 24.61
HO2 EDO G . -0.90 -15.56 25.10
C1 EDO H . -14.10 -2.80 31.01
O1 EDO H . -13.48 -2.86 29.74
C2 EDO H . -14.09 -1.38 31.55
O2 EDO H . -12.76 -0.99 31.89
H11 EDO H . -13.57 -3.46 31.71
H12 EDO H . -15.13 -3.16 30.94
HO1 EDO H . -14.06 -3.31 29.12
H21 EDO H . -14.73 -1.32 32.44
H22 EDO H . -14.50 -0.69 30.81
HO2 EDO H . -12.43 -0.36 31.23
C1 EDO I . -30.49 2.47 1.60
O1 EDO I . -30.56 3.09 2.87
C2 EDO I . -31.49 3.13 0.65
O2 EDO I . -32.77 2.62 1.01
H11 EDO I . -29.48 2.58 1.20
H12 EDO I . -30.71 1.40 1.69
HO1 EDO I . -30.99 3.96 2.80
H21 EDO I . -31.25 2.87 -0.39
H22 EDO I . -31.46 4.21 0.74
HO2 EDO I . -33.12 2.07 0.30
C1 EDO J . -7.48 7.71 6.25
O1 EDO J . -7.76 7.77 4.85
C2 EDO J . -7.09 9.08 6.79
O2 EDO J . -5.75 9.38 6.40
H11 EDO J . -6.64 7.01 6.42
H12 EDO J . -8.34 7.32 6.79
HO1 EDO J . -8.64 7.39 4.69
H21 EDO J . -7.17 9.09 7.89
H22 EDO J . -7.77 9.85 6.41
HO2 EDO J . -5.69 9.36 5.44
C1 EDO K . -1.45 -3.72 3.45
O1 EDO K . -1.52 -5.06 2.92
C2 EDO K . -2.81 -3.40 4.10
O2 EDO K . -3.06 -4.43 5.04
H11 EDO K . -1.23 -3.01 2.66
H12 EDO K . -0.66 -3.65 4.20
HO1 EDO K . -0.93 -5.63 3.42
H21 EDO K . -2.78 -2.44 4.59
H22 EDO K . -3.59 -3.38 3.34
HO2 EDO K . -3.99 -4.39 5.32
C1 EDO L . -11.98 -14.40 -5.97
O1 EDO L . -11.90 -15.81 -6.23
C2 EDO L . -12.44 -13.61 -7.19
O2 EDO L . -13.82 -13.28 -7.07
H11 EDO L . -10.99 -14.04 -5.66
H12 EDO L . -12.67 -14.23 -5.15
HO1 EDO L . -11.31 -16.22 -5.59
H21 EDO L . -12.27 -14.20 -8.10
H22 EDO L . -11.85 -12.69 -7.28
HO2 EDO L . -14.01 -13.00 -6.16
C1 EDO M . -11.03 -21.44 2.93
O1 EDO M . -10.09 -22.43 3.34
C2 EDO M . -12.25 -21.50 3.84
O2 EDO M . -11.83 -21.58 5.21
H11 EDO M . -11.32 -21.61 1.89
H12 EDO M . -10.58 -20.44 2.99
HO1 EDO M . -9.58 -22.73 2.57
H21 EDO M . -12.85 -22.38 3.58
H22 EDO M . -12.88 -20.63 3.69
HO2 EDO M . -11.34 -20.78 5.43
C1 EDO N . -17.79 -23.57 11.53
O1 EDO N . -18.19 -24.95 11.52
C2 EDO N . -16.33 -23.56 11.09
O2 EDO N . -15.67 -24.63 11.76
H11 EDO N . -17.90 -23.13 12.52
H12 EDO N . -18.41 -22.99 10.83
HO1 EDO N . -18.81 -25.10 10.80
H21 EDO N . -15.87 -22.60 11.35
H22 EDO N . -16.27 -23.68 10.01
HO2 EDO N . -14.84 -24.84 11.31
C1 EDO O . -39.12 -9.07 2.90
O1 EDO O . -37.74 -9.15 3.27
C2 EDO O . -39.25 -8.28 1.61
O2 EDO O . -38.42 -8.86 0.59
H11 EDO O . -39.70 -8.60 3.69
H12 EDO O . -39.52 -10.08 2.75
HO1 EDO O . -37.35 -8.26 3.24
H21 EDO O . -40.29 -8.28 1.27
H22 EDO O . -38.95 -7.24 1.78
HO2 EDO O . -38.63 -8.46 -0.26
C1 EDO P . -10.81 -27.08 10.78
O1 EDO P . -11.82 -27.17 9.77
C2 EDO P . -10.21 -25.67 10.75
O2 EDO P . -9.24 -25.64 9.70
H11 EDO P . -10.03 -27.82 10.60
H12 EDO P . -11.23 -27.28 11.77
HO1 EDO P . -11.80 -28.06 9.38
H21 EDO P . -9.74 -25.44 11.71
H22 EDO P . -11.00 -24.94 10.57
HO2 EDO P . -9.28 -24.78 9.26
C1 EDO Q . -23.20 18.15 12.34
O1 EDO Q . -23.44 16.84 12.91
C2 EDO Q . -21.77 18.60 12.55
O2 EDO Q . -20.83 17.67 12.00
H11 EDO Q . -23.88 18.87 12.81
H12 EDO Q . -23.43 18.12 11.27
HO1 EDO Q . -24.34 16.56 12.71
H21 EDO Q . -21.58 18.71 13.62
H22 EDO Q . -21.63 19.57 12.07
HO2 EDO Q . -20.23 18.13 11.39
C1 EDO R . -4.23 7.16 -0.21
O1 EDO R . -3.36 6.73 0.83
C2 EDO R . -3.36 7.67 -1.35
O2 EDO R . -2.05 7.98 -0.86
H11 EDO R . -4.89 7.94 0.14
H12 EDO R . -4.85 6.33 -0.55
HO1 EDO R . -3.84 6.71 1.67
H21 EDO R . -3.28 6.91 -2.13
H22 EDO R . -3.81 8.56 -1.79
HO2 EDO R . -1.88 8.92 -0.96
C1 EDO S . -10.99 13.18 22.39
O1 EDO S . -10.85 13.35 23.81
C2 EDO S . -9.71 12.58 21.84
O2 EDO S . -8.54 13.32 22.20
H11 EDO S . -11.83 12.53 22.17
H12 EDO S . -11.18 14.15 21.92
HO1 EDO S . -11.71 13.54 24.20
H21 EDO S . -9.78 12.53 20.75
H22 EDO S . -9.60 11.56 22.21
HO2 EDO S . -8.06 13.59 21.41
CL CL T . -23.52 5.82 -3.70
CL CL U . -34.34 -6.46 6.26
NA NA V . -2.27 10.22 -21.25
NA NA W . 30.33 8.13 5.50
C1 EDO X . 23.06 -13.10 -16.76
O1 EDO X . 22.19 -14.13 -17.24
C2 EDO X . 24.48 -13.43 -17.21
O2 EDO X . 24.51 -13.40 -18.64
H11 EDO X . 23.02 -13.04 -15.67
H12 EDO X . 22.76 -12.13 -17.16
HO1 EDO X . 21.33 -13.76 -17.44
H21 EDO X . 24.78 -14.41 -16.84
H22 EDO X . 25.19 -12.69 -16.81
HO2 EDO X . 23.70 -12.99 -18.98
C1 EDO Y . -4.05 5.46 4.39
O1 EDO Y . -2.65 5.23 4.53
C2 EDO Y . -4.31 6.87 4.87
O2 EDO Y . -3.67 7.80 3.98
H11 EDO Y . -4.62 4.73 4.99
H12 EDO Y . -4.36 5.35 3.35
HO1 EDO Y . -2.45 4.30 4.37
H21 EDO Y . -5.39 7.07 4.90
H22 EDO Y . -3.92 7.00 5.88
HO2 EDO Y . -3.94 8.70 4.20
C1 EDO Z . 3.64 -5.43 -16.04
O1 EDO Z . 3.70 -4.11 -16.57
C2 EDO Z . 4.12 -5.33 -14.61
O2 EDO Z . 3.95 -3.98 -14.15
H11 EDO Z . 2.61 -5.82 -16.09
H12 EDO Z . 4.27 -6.11 -16.62
HO1 EDO Z . 2.96 -3.96 -17.17
H21 EDO Z . 3.55 -6.02 -13.98
H22 EDO Z . 5.17 -5.62 -14.55
HO2 EDO Z . 3.03 -3.85 -13.87
C1 EDO AA . 31.20 0.47 -4.52
O1 EDO AA . 31.37 0.88 -3.22
C2 EDO AA . 32.40 0.77 -5.22
O2 EDO AA . 32.90 2.05 -4.99
H11 EDO AA . 30.45 0.95 -4.93
H12 EDO AA . 31.03 -0.49 -4.55
HO1 EDO AA . 31.36 0.20 -2.72
H21 EDO AA . 32.25 0.72 -6.17
H22 EDO AA . 33.09 0.12 -4.98
HO2 EDO AA . 33.41 2.04 -4.31
C1 EDO BA . 14.02 -11.30 -13.08
O1 EDO BA . 14.63 -11.74 -11.85
C2 EDO BA . 14.94 -10.33 -13.79
O2 EDO BA . 15.89 -11.09 -14.50
H11 EDO BA . 13.06 -10.83 -12.86
H12 EDO BA . 13.83 -12.17 -13.72
HO1 EDO BA . 15.56 -11.51 -11.86
H21 EDO BA . 15.42 -9.68 -13.07
H22 EDO BA . 14.36 -9.69 -14.47
HO2 EDO BA . 16.58 -10.52 -14.85
C1 EDO CA . 28.83 0.44 5.99
O1 EDO CA . 30.23 0.69 5.87
C2 EDO CA . 28.42 -0.97 5.57
O2 EDO CA . 28.76 -1.15 4.21
H11 EDO CA . 28.29 1.17 5.39
H12 EDO CA . 28.55 0.59 7.04
HO1 EDO CA . 30.69 -0.12 5.62
H21 EDO CA . 28.94 -1.71 6.18
H22 EDO CA . 27.35 -1.09 5.71
HO2 EDO CA . 28.54 -2.05 3.94
C1 EDO DA . 14.72 -4.78 8.98
O1 EDO DA . 13.62 -5.62 8.64
C2 EDO DA . 15.88 -5.07 8.02
O2 EDO DA . 15.83 -6.47 7.69
H11 EDO DA . 15.04 -4.97 10.02
H12 EDO DA . 14.44 -3.73 8.92
HO1 EDO DA . 13.82 -6.53 8.89
H21 EDO DA . 15.77 -4.46 7.12
H22 EDO DA . 16.84 -4.82 8.49
HO2 EDO DA . 15.11 -6.63 7.07
C1 EDO EA . 28.53 -9.83 -22.00
O1 EDO EA . 28.34 -8.54 -21.40
C2 EDO EA . 28.03 -9.90 -23.44
O2 EDO EA . 27.95 -8.61 -24.03
H11 EDO EA . 29.59 -10.07 -21.97
H12 EDO EA . 28.00 -10.57 -21.40
HO1 EDO EA . 28.61 -8.57 -20.47
H21 EDO EA . 27.06 -10.38 -23.47
H22 EDO EA . 28.72 -10.53 -24.02
HO2 EDO EA . 28.29 -8.65 -24.94
C1 EDO FA . 3.59 15.53 0.38
O1 EDO FA . 3.91 16.70 1.05
C2 EDO FA . 4.79 14.96 -0.21
O2 EDO FA . 4.98 15.48 -1.48
H11 EDO FA . 2.93 15.72 -0.32
H12 EDO FA . 3.21 14.89 1.01
HO1 EDO FA . 4.22 16.52 1.80
H21 EDO FA . 5.56 15.16 0.34
H22 EDO FA . 4.69 13.98 -0.28
HO2 EDO FA . 4.32 15.96 -1.69
CL CL GA . 14.21 18.92 2.19
#